data_9Q31
#
_entry.id   9Q31
#
_cell.length_a   47.368
_cell.length_b   96.318
_cell.length_c   127.757
_cell.angle_alpha   90.00
_cell.angle_beta   90.00
_cell.angle_gamma   90.00
#
_symmetry.space_group_name_H-M   'P 21 21 21'
#
loop_
_entity.id
_entity.type
_entity.pdbx_description
1 polymer 'Receptor-interacting serine/threonine-protein kinase 1'
2 non-polymer cyclopropyl[(4R,5S,7S)-7-fluoro-5-phenyl-6,7-dihydro-5H-pyrrolo[1,2-b][1,2,4]triazol-2-yl]methanone
3 non-polymer 'BROMIDE ION'
4 non-polymer 'CHLORIDE ION'
5 non-polymer 'SODIUM ION'
6 non-polymer PROPANE
7 water water
#
_entity_poly.entity_id   1
_entity_poly.type   'polypeptide(L)'
_entity_poly.pdbx_seq_one_letter_code
;GSMQPDMSLNVIKMKSSDFLESAELDSGGFGKVSLAFHRTQGLMIMKTVYKGPNCIEHNEALLEEAKMMNRLRHSRVVKL
LGVIIEEGKYSLVMEYMEKGNLMHVLKAEMSTPLSVKGRIILEIIEGMAYLHGKGVIHKDLKPENILVDNDFHIKIADLG
LASFKMWSKLNNEEHNELREVDGTAKKNGGTLYYMAPEHLNDVNAKPTEKSDVYSFAVVLWAIFANKEPYENAIAEQQLI
MAIKSGNRPDVDDITEYCPREIISLMKLCWEANPEARPTFPGIEEKFRPFYLSQLE
;
_entity_poly.pdbx_strand_id   A,B
#
# COMPACT_ATOMS: atom_id res chain seq x y z
N LEU A 9 13.28 -8.71 3.08
CA LEU A 9 14.31 -9.36 3.89
C LEU A 9 14.21 -8.94 5.35
N ASN A 10 14.68 -9.80 6.24
CA ASN A 10 14.66 -9.52 7.67
C ASN A 10 15.84 -8.63 8.05
N VAL A 11 15.87 -8.23 9.33
CA VAL A 11 16.92 -7.35 9.81
C VAL A 11 18.22 -8.13 9.96
N ILE A 12 19.30 -7.57 9.43
CA ILE A 12 20.62 -8.19 9.50
C ILE A 12 21.33 -7.71 10.76
N LYS A 13 21.97 -8.64 11.46
CA LYS A 13 22.85 -8.28 12.57
C LYS A 13 24.20 -7.93 11.98
N MET A 14 24.37 -6.65 11.63
CA MET A 14 25.61 -6.24 11.00
C MET A 14 26.67 -5.93 12.05
N LYS A 15 27.91 -5.83 11.58
N LYS A 15 27.91 -5.82 11.58
CA LYS A 15 29.06 -5.53 12.44
CA LYS A 15 29.06 -5.53 12.44
C LYS A 15 29.66 -4.20 12.04
C LYS A 15 29.69 -4.21 12.03
N SER A 16 30.28 -3.53 13.02
CA SER A 16 30.98 -2.29 12.72
C SER A 16 32.06 -2.51 11.66
N SER A 17 32.71 -3.67 11.70
CA SER A 17 33.74 -4.01 10.73
C SER A 17 33.20 -4.22 9.32
N ASP A 18 31.87 -4.33 9.17
CA ASP A 18 31.27 -4.48 7.84
C ASP A 18 31.35 -3.22 7.01
N PHE A 19 31.64 -2.07 7.64
CA PHE A 19 31.57 -0.78 6.97
C PHE A 19 32.96 -0.18 6.83
N LEU A 20 33.19 0.51 5.72
CA LEU A 20 34.48 1.14 5.49
C LEU A 20 34.76 2.16 6.58
N GLU A 21 36.00 2.18 7.05
CA GLU A 21 36.43 3.15 8.05
C GLU A 21 36.22 4.56 7.53
N SER A 22 35.41 5.34 8.23
CA SER A 22 35.16 6.73 7.89
C SER A 22 34.99 7.57 9.15
N ALA A 23 35.90 7.36 10.11
CA ALA A 23 35.82 8.08 11.37
C ALA A 23 35.71 9.58 11.15
N GLU A 24 36.50 10.12 10.22
CA GLU A 24 36.45 11.54 9.91
C GLU A 24 35.72 11.80 8.59
N LYS A 32 22.66 10.45 15.25
CA LYS A 32 23.49 11.13 14.26
C LYS A 32 23.49 10.36 12.94
N VAL A 33 22.67 10.82 11.99
CA VAL A 33 22.46 10.10 10.73
C VAL A 33 23.55 10.50 9.75
N SER A 34 24.35 9.53 9.32
CA SER A 34 25.45 9.78 8.41
C SER A 34 25.49 8.71 7.33
N LEU A 35 26.21 9.00 6.25
CA LEU A 35 26.38 8.03 5.18
C LEU A 35 27.41 6.97 5.58
N ALA A 36 27.12 5.72 5.23
CA ALA A 36 28.04 4.62 5.48
C ALA A 36 28.11 3.75 4.25
N PHE A 37 29.25 3.08 4.07
CA PHE A 37 29.44 2.19 2.93
C PHE A 37 29.69 0.78 3.45
N HIS A 38 28.71 -0.09 3.25
CA HIS A 38 28.86 -1.50 3.59
C HIS A 38 29.83 -2.18 2.62
N ARG A 39 30.71 -3.01 3.15
CA ARG A 39 31.78 -3.60 2.35
C ARG A 39 31.24 -4.32 1.11
N THR A 40 30.11 -5.02 1.25
CA THR A 40 29.58 -5.81 0.15
C THR A 40 28.19 -5.38 -0.29
N GLN A 41 27.52 -4.49 0.43
CA GLN A 41 26.18 -4.05 0.08
C GLN A 41 26.10 -2.63 -0.45
N GLY A 42 27.10 -1.80 -0.18
CA GLY A 42 27.12 -0.44 -0.71
C GLY A 42 26.61 0.62 0.23
N LEU A 43 26.09 1.70 -0.35
CA LEU A 43 25.72 2.88 0.44
C LEU A 43 24.50 2.59 1.32
N MET A 44 24.57 3.08 2.55
CA MET A 44 23.53 2.93 3.55
C MET A 44 23.55 4.14 4.46
N ILE A 45 22.47 4.33 5.20
CA ILE A 45 22.38 5.38 6.21
C ILE A 45 22.54 4.74 7.58
N MET A 46 23.41 5.32 8.40
CA MET A 46 23.64 4.83 9.75
C MET A 46 23.19 5.85 10.77
N LYS A 47 22.40 5.41 11.74
CA LYS A 47 22.06 6.21 12.90
C LYS A 47 22.71 5.56 14.12
N THR A 48 23.82 6.14 14.56
CA THR A 48 24.43 5.71 15.80
C THR A 48 23.58 6.19 16.97
N VAL A 49 23.16 5.24 17.81
CA VAL A 49 22.20 5.55 18.87
C VAL A 49 22.86 5.59 20.24
N TYR A 50 23.77 4.66 20.52
CA TYR A 50 24.38 4.55 21.84
C TYR A 50 25.86 4.26 21.72
N LYS A 51 26.64 4.94 22.56
CA LYS A 51 28.08 4.69 22.66
C LYS A 51 28.50 5.03 24.08
N GLY A 52 28.84 3.99 24.85
CA GLY A 52 29.22 4.18 26.23
C GLY A 52 29.51 2.86 26.92
N PRO A 53 29.23 2.79 28.22
CA PRO A 53 29.48 1.55 28.96
C PRO A 53 28.63 0.40 28.43
N ASN A 54 29.06 -0.81 28.78
CA ASN A 54 28.37 -2.00 28.32
C ASN A 54 27.00 -2.11 28.98
N CYS A 55 25.96 -2.36 28.18
CA CYS A 55 24.61 -2.54 28.67
C CYS A 55 23.95 -3.70 27.93
N ILE A 56 24.58 -4.87 28.00
CA ILE A 56 24.12 -6.06 27.28
C ILE A 56 22.76 -6.55 27.75
N GLU A 57 22.31 -6.12 28.94
CA GLU A 57 21.02 -6.56 29.45
C GLU A 57 19.86 -6.21 28.54
N HIS A 58 20.02 -5.20 27.69
CA HIS A 58 18.94 -4.72 26.83
C HIS A 58 19.02 -5.28 25.41
N ASN A 59 19.98 -6.16 25.13
CA ASN A 59 20.21 -6.61 23.76
C ASN A 59 18.98 -7.25 23.16
N GLU A 60 18.46 -8.30 23.82
CA GLU A 60 17.32 -9.01 23.27
C GLU A 60 16.13 -8.07 23.08
N ALA A 61 15.96 -7.10 23.99
CA ALA A 61 14.87 -6.14 23.84
C ALA A 61 15.11 -5.20 22.68
N LEU A 62 16.36 -4.77 22.47
CA LEU A 62 16.65 -3.87 21.35
C LEU A 62 16.48 -4.59 20.02
N LEU A 63 16.90 -5.86 19.95
CA LEU A 63 16.82 -6.59 18.69
C LEU A 63 15.36 -6.86 18.30
N GLU A 64 14.54 -7.30 19.25
CA GLU A 64 13.15 -7.62 18.94
CA GLU A 64 13.15 -7.62 18.94
C GLU A 64 12.39 -6.37 18.48
N GLU A 65 12.67 -5.22 19.09
CA GLU A 65 12.03 -3.99 18.63
C GLU A 65 12.44 -3.67 17.20
N ALA A 66 13.72 -3.87 16.87
CA ALA A 66 14.14 -3.67 15.49
C ALA A 66 13.44 -4.65 14.55
N LYS A 67 13.29 -5.90 14.99
CA LYS A 67 12.54 -6.87 14.20
C LYS A 67 11.10 -6.43 14.00
N MET A 68 10.47 -5.91 15.06
N MET A 68 10.48 -5.90 15.06
CA MET A 68 9.10 -5.43 14.92
CA MET A 68 9.10 -5.42 14.95
C MET A 68 9.02 -4.28 13.93
C MET A 68 9.00 -4.27 13.96
N MET A 69 9.86 -3.26 14.11
CA MET A 69 9.86 -2.14 13.17
C MET A 69 10.14 -2.60 11.75
N ASN A 70 11.09 -3.53 11.60
CA ASN A 70 11.45 -4.03 10.27
C ASN A 70 10.28 -4.73 9.57
N ARG A 71 9.24 -5.09 10.31
CA ARG A 71 8.08 -5.74 9.70
C ARG A 71 7.13 -4.75 9.04
N LEU A 72 7.32 -3.45 9.24
CA LEU A 72 6.53 -2.42 8.56
C LEU A 72 7.12 -2.26 7.16
N ARG A 73 6.63 -3.07 6.23
CA ARG A 73 7.19 -3.17 4.89
C ARG A 73 6.19 -2.62 3.89
N HIS A 74 6.57 -1.54 3.22
CA HIS A 74 5.68 -0.90 2.25
C HIS A 74 6.54 -0.08 1.31
N SER A 75 6.03 0.11 0.08
CA SER A 75 6.81 0.81 -0.93
C SER A 75 7.13 2.24 -0.51
N ARG A 76 6.31 2.84 0.36
CA ARG A 76 6.51 4.22 0.81
C ARG A 76 7.01 4.31 2.24
N VAL A 77 7.62 3.25 2.76
CA VAL A 77 8.15 3.22 4.13
C VAL A 77 9.61 2.80 4.05
N VAL A 78 10.48 3.57 4.71
N VAL A 78 10.48 3.57 4.73
CA VAL A 78 11.90 3.28 4.65
CA VAL A 78 11.91 3.29 4.67
C VAL A 78 12.16 1.91 5.27
C VAL A 78 12.18 1.93 5.29
N LYS A 79 13.15 1.21 4.71
CA LYS A 79 13.51 -0.11 5.19
C LYS A 79 14.61 0.00 6.22
N LEU A 80 14.45 -0.72 7.33
CA LEU A 80 15.53 -0.89 8.31
C LEU A 80 16.33 -2.11 7.86
N LEU A 81 17.51 -1.85 7.28
CA LEU A 81 18.31 -2.92 6.70
C LEU A 81 18.99 -3.78 7.76
N GLY A 82 19.49 -3.16 8.82
CA GLY A 82 20.20 -3.94 9.81
C GLY A 82 20.34 -3.21 11.13
N VAL A 83 20.94 -3.89 12.09
CA VAL A 83 21.25 -3.35 13.39
C VAL A 83 22.70 -3.66 13.71
N ILE A 84 23.32 -2.79 14.51
CA ILE A 84 24.64 -3.03 15.05
C ILE A 84 24.50 -3.09 16.56
N ILE A 85 24.74 -4.28 17.13
CA ILE A 85 24.58 -4.52 18.55
C ILE A 85 25.88 -5.14 19.02
N GLU A 86 26.75 -4.31 19.60
CA GLU A 86 28.07 -4.73 20.07
C GLU A 86 28.26 -4.19 21.48
N GLU A 87 29.42 -4.51 22.06
CA GLU A 87 29.74 -4.04 23.41
C GLU A 87 29.92 -2.52 23.40
N GLY A 88 28.98 -1.81 24.01
CA GLY A 88 29.08 -0.37 24.09
C GLY A 88 28.88 0.38 22.80
N LYS A 89 28.20 -0.20 21.82
CA LYS A 89 27.94 0.46 20.55
C LYS A 89 26.68 -0.11 19.95
N TYR A 90 25.68 0.76 19.69
CA TYR A 90 24.40 0.35 19.14
C TYR A 90 24.00 1.32 18.04
N SER A 91 23.73 0.80 16.85
CA SER A 91 23.33 1.62 15.73
C SER A 91 22.24 0.94 14.92
N LEU A 92 21.46 1.76 14.22
CA LEU A 92 20.43 1.31 13.28
C LEU A 92 20.86 1.66 11.87
N VAL A 93 20.68 0.71 10.94
CA VAL A 93 21.14 0.88 9.56
C VAL A 93 19.93 0.87 8.63
N MET A 94 19.84 1.90 7.81
CA MET A 94 18.64 2.21 7.05
C MET A 94 18.97 2.38 5.58
N GLU A 95 17.97 2.11 4.74
CA GLU A 95 18.04 2.40 3.32
C GLU A 95 18.61 3.79 3.06
N TYR A 96 19.36 3.92 1.97
CA TYR A 96 19.92 5.20 1.56
C TYR A 96 19.00 5.84 0.52
N MET A 97 18.52 7.04 0.83
CA MET A 97 17.66 7.82 -0.07
C MET A 97 18.48 8.99 -0.61
N GLU A 98 18.85 8.90 -1.89
CA GLU A 98 19.93 9.70 -2.44
C GLU A 98 19.67 11.20 -2.34
N LYS A 99 18.41 11.62 -2.39
CA LYS A 99 18.08 13.03 -2.50
C LYS A 99 17.81 13.71 -1.17
N GLY A 100 17.97 13.00 -0.05
CA GLY A 100 17.76 13.63 1.24
C GLY A 100 16.28 13.74 1.58
N ASN A 101 15.95 14.71 2.43
CA ASN A 101 14.57 14.83 2.86
C ASN A 101 13.79 15.78 1.95
N LEU A 102 12.47 15.79 2.14
CA LEU A 102 11.59 16.54 1.24
C LEU A 102 11.90 18.03 1.23
N MET A 103 12.22 18.61 2.38
CA MET A 103 12.46 20.05 2.41
C MET A 103 13.69 20.40 1.60
N HIS A 104 14.71 19.54 1.64
CA HIS A 104 15.90 19.77 0.82
C HIS A 104 15.55 19.73 -0.66
N VAL A 105 14.69 18.81 -1.07
CA VAL A 105 14.27 18.74 -2.47
C VAL A 105 13.50 20.00 -2.86
N LEU A 106 12.61 20.47 -1.98
CA LEU A 106 11.78 21.63 -2.28
C LEU A 106 12.61 22.91 -2.39
N LYS A 107 13.71 23.00 -1.65
CA LYS A 107 14.53 24.21 -1.69
C LYS A 107 15.62 24.15 -2.75
N ALA A 108 15.74 23.05 -3.47
CA ALA A 108 16.79 22.93 -4.47
C ALA A 108 16.62 23.97 -5.56
N GLU A 109 17.72 24.27 -6.25
CA GLU A 109 17.68 25.28 -7.30
C GLU A 109 16.81 24.84 -8.47
N MET A 110 16.80 23.54 -8.78
CA MET A 110 15.96 23.02 -9.84
C MET A 110 14.53 22.85 -9.33
N SER A 111 13.57 23.41 -10.07
CA SER A 111 12.18 23.37 -9.65
C SER A 111 11.60 21.96 -9.79
N THR A 112 10.63 21.66 -8.93
CA THR A 112 9.94 20.38 -8.97
C THR A 112 8.58 20.56 -9.62
N PRO A 113 8.32 19.95 -10.78
CA PRO A 113 7.08 20.24 -11.50
C PRO A 113 5.84 19.75 -10.75
N LEU A 114 4.71 20.35 -11.09
CA LEU A 114 3.46 20.04 -10.40
C LEU A 114 3.15 18.55 -10.44
N SER A 115 3.40 17.89 -11.58
CA SER A 115 3.12 16.47 -11.68
C SER A 115 3.91 15.67 -10.64
N VAL A 116 5.17 16.06 -10.39
CA VAL A 116 5.97 15.35 -9.40
C VAL A 116 5.48 15.67 -8.00
N LYS A 117 5.14 16.93 -7.74
CA LYS A 117 4.61 17.28 -6.42
C LYS A 117 3.33 16.52 -6.13
N GLY A 118 2.46 16.36 -7.13
CA GLY A 118 1.26 15.57 -6.94
C GLY A 118 1.56 14.13 -6.61
N ARG A 119 2.54 13.54 -7.30
CA ARG A 119 2.92 12.15 -7.01
C ARG A 119 3.49 12.02 -5.61
N ILE A 120 4.33 12.98 -5.21
CA ILE A 120 4.87 12.97 -3.85
C ILE A 120 3.75 12.95 -2.83
N ILE A 121 2.74 13.80 -3.03
CA ILE A 121 1.62 13.87 -2.09
C ILE A 121 0.90 12.52 -2.03
N LEU A 122 0.58 11.97 -3.19
CA LEU A 122 -0.09 10.68 -3.24
C LEU A 122 0.69 9.61 -2.49
N GLU A 123 2.01 9.58 -2.69
CA GLU A 123 2.84 8.56 -2.04
C GLU A 123 2.87 8.74 -0.53
N ILE A 124 2.95 9.98 -0.06
CA ILE A 124 2.85 10.21 1.39
C ILE A 124 1.52 9.67 1.91
N ILE A 125 0.44 9.91 1.19
CA ILE A 125 -0.86 9.37 1.60
C ILE A 125 -0.81 7.86 1.65
N GLU A 126 -0.23 7.23 0.63
CA GLU A 126 -0.15 5.77 0.60
C GLU A 126 0.64 5.25 1.79
N GLY A 127 1.76 5.89 2.10
CA GLY A 127 2.58 5.44 3.22
C GLY A 127 1.87 5.56 4.55
N MET A 128 1.19 6.69 4.77
CA MET A 128 0.50 6.89 6.04
C MET A 128 -0.73 5.98 6.16
N ALA A 129 -1.46 5.77 5.05
CA ALA A 129 -2.55 4.82 5.09
C ALA A 129 -2.06 3.43 5.48
N TYR A 130 -0.89 3.03 4.99
CA TYR A 130 -0.34 1.73 5.37
C TYR A 130 -0.03 1.70 6.87
N LEU A 131 0.70 2.72 7.35
CA LEU A 131 1.10 2.74 8.75
C LEU A 131 -0.10 2.73 9.69
N HIS A 132 -1.11 3.56 9.39
CA HIS A 132 -2.29 3.58 10.24
C HIS A 132 -3.04 2.26 10.19
N GLY A 133 -3.06 1.59 9.03
CA GLY A 133 -3.65 0.27 8.94
C GLY A 133 -2.94 -0.75 9.80
N LYS A 134 -1.66 -0.52 10.10
CA LYS A 134 -0.89 -1.36 11.01
C LYS A 134 -0.96 -0.89 12.45
N GLY A 135 -1.85 0.06 12.75
CA GLY A 135 -1.95 0.58 14.11
C GLY A 135 -0.77 1.42 14.54
N VAL A 136 0.04 1.88 13.60
CA VAL A 136 1.16 2.77 13.89
C VAL A 136 0.66 4.21 13.80
N ILE A 137 0.84 4.97 14.88
CA ILE A 137 0.70 6.42 14.84
C ILE A 137 2.11 7.00 14.75
N HIS A 138 2.35 7.80 13.72
CA HIS A 138 3.71 8.30 13.50
C HIS A 138 4.13 9.25 14.61
N LYS A 139 3.35 10.31 14.83
CA LYS A 139 3.50 11.29 15.90
C LYS A 139 4.57 12.34 15.58
N ASP A 140 5.36 12.18 14.52
CA ASP A 140 6.42 13.12 14.20
C ASP A 140 6.53 13.30 12.69
N LEU A 141 5.38 13.32 12.00
CA LEU A 141 5.39 13.46 10.56
C LEU A 141 5.75 14.90 10.18
N LYS A 142 6.71 15.04 9.29
CA LYS A 142 7.23 16.35 8.87
C LYS A 142 8.16 16.14 7.69
N PRO A 143 8.54 17.20 6.97
CA PRO A 143 9.38 17.01 5.79
C PRO A 143 10.71 16.32 6.07
N GLU A 144 11.27 16.49 7.28
CA GLU A 144 12.54 15.86 7.59
C GLU A 144 12.42 14.34 7.71
N ASN A 145 11.21 13.82 7.92
CA ASN A 145 10.98 12.38 8.00
C ASN A 145 10.40 11.82 6.71
N ILE A 146 10.40 12.59 5.63
CA ILE A 146 9.95 12.14 4.32
C ILE A 146 11.18 12.15 3.41
N LEU A 147 11.67 10.97 3.05
CA LEU A 147 12.92 10.83 2.32
C LEU A 147 12.66 10.59 0.84
N VAL A 148 13.59 11.04 0.00
CA VAL A 148 13.40 11.09 -1.45
C VAL A 148 14.55 10.35 -2.12
N ASP A 149 14.20 9.49 -3.08
CA ASP A 149 15.19 8.70 -3.78
C ASP A 149 15.57 9.37 -5.11
N ASN A 150 16.38 8.67 -5.90
CA ASN A 150 16.91 9.25 -7.13
C ASN A 150 15.79 9.69 -8.06
N ASP A 151 14.71 8.93 -8.12
CA ASP A 151 13.63 9.17 -9.06
C ASP A 151 12.52 10.04 -8.48
N PHE A 152 12.74 10.66 -7.32
CA PHE A 152 11.78 11.54 -6.68
C PHE A 152 10.62 10.79 -6.04
N HIS A 153 10.74 9.48 -5.87
CA HIS A 153 9.81 8.73 -5.03
C HIS A 153 10.22 8.88 -3.57
N ILE A 154 9.23 8.83 -2.68
CA ILE A 154 9.46 9.15 -1.27
C ILE A 154 9.20 7.92 -0.40
N LYS A 155 9.78 7.96 0.79
CA LYS A 155 9.55 6.95 1.82
C LYS A 155 9.54 7.63 3.17
N ILE A 156 8.60 7.22 4.01
CA ILE A 156 8.42 7.82 5.33
C ILE A 156 9.38 7.16 6.31
N ALA A 157 10.07 7.97 7.09
CA ALA A 157 11.06 7.49 8.06
C ALA A 157 10.66 7.93 9.47
N ASP A 158 11.36 7.40 10.46
CA ASP A 158 11.16 7.75 11.87
C ASP A 158 12.51 8.09 12.50
N LEU A 159 13.20 9.09 11.92
CA LEU A 159 14.58 9.39 12.33
C LEU A 159 14.67 9.85 13.78
N GLY A 160 13.58 10.38 14.34
CA GLY A 160 13.54 10.74 15.73
C GLY A 160 13.25 9.61 16.70
N LEU A 161 13.08 8.39 16.20
CA LEU A 161 12.79 7.23 17.04
C LEU A 161 11.50 7.41 17.82
N ALA A 162 10.54 8.16 17.28
CA ALA A 162 9.26 8.32 17.95
C ALA A 162 8.53 6.99 18.11
N SER A 163 8.80 6.03 17.22
CA SER A 163 8.19 4.70 17.31
C SER A 163 9.15 3.63 17.81
N PHE A 164 10.44 3.95 17.98
CA PHE A 164 11.42 3.00 18.53
C PHE A 164 11.53 3.26 20.03
N LYS A 165 10.57 2.71 20.78
CA LYS A 165 10.51 2.99 22.21
C LYS A 165 11.78 2.55 22.92
N MET A 166 12.19 1.30 22.71
CA MET A 166 13.38 0.80 23.38
C MET A 166 14.63 1.55 22.93
N TRP A 167 14.78 1.74 21.61
CA TRP A 167 15.98 2.41 21.12
C TRP A 167 16.01 3.88 21.53
N SER A 168 14.85 4.53 21.62
CA SER A 168 14.83 5.92 22.06
C SER A 168 15.24 6.04 23.52
N LYS A 169 14.80 5.09 24.35
CA LYS A 169 15.25 5.09 25.74
C LYS A 169 16.76 4.91 25.84
N LEU A 170 17.30 3.98 25.04
CA LEU A 170 18.75 3.80 25.01
C LEU A 170 19.45 5.09 24.62
N ASN A 171 18.87 5.84 23.67
CA ASN A 171 19.52 7.04 23.17
C ASN A 171 19.68 8.11 24.24
N ASN A 172 18.91 8.04 25.33
CA ASN A 172 18.90 9.10 26.33
C ASN A 172 19.45 8.66 27.68
N GLU A 173 19.79 7.38 27.84
CA GLU A 173 20.47 6.96 29.06
C GLU A 173 21.72 7.80 29.26
N GLU A 174 21.82 8.45 30.42
CA GLU A 174 22.82 9.51 30.60
C GLU A 174 24.24 9.01 30.40
N HIS A 175 24.51 7.73 30.71
CA HIS A 175 25.84 7.19 30.50
C HIS A 175 26.21 7.06 29.03
N ASN A 176 25.31 7.44 28.12
CA ASN A 176 25.59 7.40 26.69
C ASN A 176 26.33 8.67 26.28
N GLU A 177 27.54 8.50 25.75
CA GLU A 177 28.33 9.65 25.32
C GLU A 177 27.55 10.55 24.39
N LEU A 178 26.81 9.96 23.46
CA LEU A 178 26.02 10.74 22.49
C LEU A 178 24.85 11.45 23.18
N THR A 191 10.93 20.66 15.60
CA THR A 191 10.09 21.76 15.15
C THR A 191 8.64 21.54 15.57
N LEU A 192 7.93 22.65 15.85
CA LEU A 192 6.53 22.63 16.23
C LEU A 192 5.60 22.99 15.08
N TYR A 193 6.12 23.32 13.90
CA TYR A 193 5.29 23.78 12.80
C TYR A 193 4.29 22.72 12.36
N TYR A 194 4.60 21.45 12.56
CA TYR A 194 3.78 20.36 12.02
C TYR A 194 3.01 19.61 13.11
N MET A 195 2.98 20.15 14.33
CA MET A 195 2.35 19.49 15.46
C MET A 195 0.92 20.00 15.62
N ALA A 196 -0.02 19.06 15.79
CA ALA A 196 -1.42 19.43 15.93
C ALA A 196 -1.59 20.35 17.15
N PRO A 197 -2.50 21.33 17.06
CA PRO A 197 -2.63 22.29 18.18
C PRO A 197 -3.02 21.64 19.49
N GLU A 198 -3.74 20.51 19.46
CA GLU A 198 -4.11 19.86 20.71
C GLU A 198 -2.89 19.39 21.49
N HIS A 199 -1.73 19.34 20.86
CA HIS A 199 -0.49 18.92 21.52
C HIS A 199 0.39 20.09 21.92
N LEU A 200 0.16 21.28 21.39
CA LEU A 200 0.97 22.43 21.75
C LEU A 200 0.65 22.85 23.19
N ASN A 201 1.69 23.05 23.98
CA ASN A 201 1.54 23.44 25.39
C ASN A 201 0.71 22.41 26.16
N ASP A 202 0.94 21.13 25.87
CA ASP A 202 0.16 20.06 26.51
C ASP A 202 0.92 18.76 26.36
N VAL A 203 1.53 18.30 27.45
CA VAL A 203 2.23 17.01 27.43
C VAL A 203 1.29 15.84 27.71
N ASN A 204 0.18 16.09 28.42
CA ASN A 204 -0.76 15.01 28.73
C ASN A 204 -1.43 14.46 27.47
N ALA A 205 -1.59 15.30 26.44
CA ALA A 205 -2.32 14.88 25.24
C ALA A 205 -1.61 13.72 24.54
N LYS A 206 -2.38 12.66 24.28
CA LYS A 206 -1.84 11.49 23.60
C LYS A 206 -2.08 11.62 22.11
N PRO A 207 -1.05 11.56 21.27
CA PRO A 207 -1.26 11.68 19.83
C PRO A 207 -2.11 10.55 19.29
N THR A 208 -2.89 10.85 18.26
CA THR A 208 -3.78 9.91 17.61
C THR A 208 -3.52 9.93 16.11
N GLU A 209 -4.21 9.04 15.38
CA GLU A 209 -4.16 9.10 13.92
C GLU A 209 -4.49 10.51 13.42
N LYS A 210 -5.40 11.20 14.11
CA LYS A 210 -5.78 12.54 13.67
C LYS A 210 -4.66 13.55 13.86
N SER A 211 -3.76 13.31 14.82
CA SER A 211 -2.58 14.16 14.94
C SER A 211 -1.73 14.08 13.68
N ASP A 212 -1.59 12.88 13.10
CA ASP A 212 -0.81 12.70 11.88
C ASP A 212 -1.47 13.40 10.70
N VAL A 213 -2.80 13.38 10.63
CA VAL A 213 -3.48 14.04 9.52
C VAL A 213 -3.20 15.54 9.56
N TYR A 214 -3.15 16.13 10.76
CA TYR A 214 -2.83 17.55 10.86
C TYR A 214 -1.43 17.82 10.33
N SER A 215 -0.44 17.03 10.77
CA SER A 215 0.92 17.19 10.27
C SER A 215 0.95 17.11 8.75
N PHE A 216 0.22 16.15 8.17
CA PHE A 216 0.14 16.03 6.72
C PHE A 216 -0.37 17.33 6.08
N ALA A 217 -1.36 17.97 6.70
CA ALA A 217 -1.89 19.21 6.12
C ALA A 217 -0.80 20.27 5.99
N VAL A 218 0.07 20.38 6.98
CA VAL A 218 1.12 21.40 6.92
C VAL A 218 2.21 21.00 5.94
N VAL A 219 2.51 19.71 5.84
CA VAL A 219 3.42 19.23 4.80
C VAL A 219 2.89 19.63 3.42
N LEU A 220 1.58 19.42 3.20
N LEU A 220 1.58 19.43 3.21
CA LEU A 220 0.93 19.83 1.96
CA LEU A 220 0.96 19.83 1.95
C LEU A 220 1.25 21.29 1.65
C LEU A 220 1.25 21.29 1.64
N TRP A 221 1.03 22.17 2.62
CA TRP A 221 1.32 23.59 2.41
C TRP A 221 2.79 23.79 2.07
N ALA A 222 3.68 23.13 2.79
CA ALA A 222 5.12 23.30 2.54
C ALA A 222 5.49 22.85 1.14
N ILE A 223 4.85 21.79 0.65
CA ILE A 223 5.18 21.28 -0.68
C ILE A 223 4.96 22.35 -1.75
N PHE A 224 3.93 23.19 -1.57
CA PHE A 224 3.65 24.22 -2.57
C PHE A 224 4.29 25.56 -2.23
N ALA A 225 4.56 25.83 -0.96
CA ALA A 225 5.25 27.07 -0.59
C ALA A 225 6.75 26.98 -0.84
N ASN A 226 7.33 25.77 -0.87
CA ASN A 226 8.76 25.58 -1.04
C ASN A 226 9.54 26.11 0.16
N LYS A 227 8.95 26.10 1.35
CA LYS A 227 9.60 26.69 2.52
C LYS A 227 8.79 26.34 3.76
N GLU A 228 9.35 26.71 4.91
CA GLU A 228 8.67 26.49 6.18
C GLU A 228 7.55 27.51 6.39
N PRO A 229 6.50 27.14 7.10
CA PRO A 229 5.44 28.11 7.41
C PRO A 229 5.87 29.08 8.50
N TYR A 230 5.04 30.11 8.69
CA TYR A 230 5.12 30.99 9.86
C TYR A 230 6.38 31.85 9.87
N GLU A 231 6.89 32.28 8.71
CA GLU A 231 8.13 33.05 8.69
C GLU A 231 8.00 34.40 9.41
N ASN A 232 6.79 34.86 9.70
CA ASN A 232 6.62 36.13 10.37
C ASN A 232 6.50 36.01 11.89
N ALA A 233 6.38 34.78 12.41
CA ALA A 233 6.34 34.58 13.84
C ALA A 233 7.62 35.11 14.49
N ILE A 234 7.45 35.82 15.61
CA ILE A 234 8.57 36.44 16.28
C ILE A 234 8.96 35.72 17.57
N ALA A 235 8.02 35.06 18.25
CA ALA A 235 8.30 34.42 19.52
C ALA A 235 7.59 33.08 19.58
N GLU A 236 8.25 32.08 20.18
CA GLU A 236 7.67 30.75 20.25
C GLU A 236 6.34 30.77 20.98
N GLN A 237 6.23 31.54 22.07
CA GLN A 237 4.95 31.60 22.79
C GLN A 237 3.88 32.26 21.94
N GLN A 238 4.25 33.30 21.18
CA GLN A 238 3.30 33.90 20.25
C GLN A 238 2.84 32.87 19.22
N LEU A 239 3.78 32.11 18.65
CA LEU A 239 3.43 31.13 17.64
C LEU A 239 2.49 30.07 18.21
N ILE A 240 2.82 29.54 19.38
CA ILE A 240 2.02 28.46 19.96
C ILE A 240 0.61 28.93 20.26
N MET A 241 0.48 30.05 20.99
CA MET A 241 -0.83 30.57 21.33
C MET A 241 -1.63 30.92 20.07
N ALA A 242 -0.95 31.42 19.03
CA ALA A 242 -1.66 31.75 17.80
C ALA A 242 -2.24 30.50 17.13
N ILE A 243 -1.42 29.46 16.97
CA ILE A 243 -1.89 28.25 16.30
C ILE A 243 -3.05 27.63 17.09
N LYS A 244 -2.94 27.61 18.42
CA LYS A 244 -4.03 27.05 19.22
C LYS A 244 -5.31 27.87 19.07
N SER A 245 -5.18 29.17 18.81
CA SER A 245 -6.34 30.02 18.63
C SER A 245 -6.93 29.90 17.22
N GLY A 246 -6.29 29.17 16.32
CA GLY A 246 -6.82 28.96 14.98
C GLY A 246 -5.91 29.41 13.85
N ASN A 247 -4.82 30.10 14.14
CA ASN A 247 -3.90 30.52 13.08
C ASN A 247 -3.39 29.29 12.33
N ARG A 248 -3.18 29.46 11.03
CA ARG A 248 -2.66 28.38 10.18
C ARG A 248 -1.67 28.96 9.19
N PRO A 249 -0.94 28.13 8.44
CA PRO A 249 0.00 28.67 7.45
C PRO A 249 -0.72 29.57 6.46
N ASP A 250 0.01 30.59 6.01
CA ASP A 250 -0.55 31.65 5.16
C ASP A 250 -0.78 31.10 3.75
N VAL A 251 -2.05 30.77 3.46
CA VAL A 251 -2.40 30.22 2.15
C VAL A 251 -2.13 31.23 1.04
N ASP A 252 -2.28 32.52 1.34
CA ASP A 252 -1.94 33.54 0.35
C ASP A 252 -0.44 33.61 0.07
N ASP A 253 0.38 32.97 0.91
CA ASP A 253 1.82 33.02 0.73
C ASP A 253 2.30 32.06 -0.35
N ILE A 254 1.50 31.07 -0.72
CA ILE A 254 1.87 30.20 -1.84
C ILE A 254 1.99 31.05 -3.09
N THR A 255 3.18 31.08 -3.67
CA THR A 255 3.45 31.94 -4.83
C THR A 255 3.22 31.23 -6.16
N GLU A 256 3.48 29.94 -6.23
CA GLU A 256 3.23 29.20 -7.46
C GLU A 256 1.78 28.70 -7.49
N TYR A 257 1.40 28.18 -8.65
CA TYR A 257 0.04 27.70 -8.83
C TYR A 257 -0.21 26.49 -7.93
N CYS A 258 -1.18 26.61 -7.02
CA CYS A 258 -1.63 25.49 -6.21
C CYS A 258 -3.10 25.22 -6.53
N PRO A 259 -3.43 24.07 -7.12
CA PRO A 259 -4.83 23.78 -7.44
C PRO A 259 -5.74 24.04 -6.24
N ARG A 260 -6.94 24.58 -6.54
CA ARG A 260 -7.89 24.89 -5.48
C ARG A 260 -8.28 23.65 -4.68
N GLU A 261 -8.30 22.48 -5.33
CA GLU A 261 -8.62 21.25 -4.59
C GLU A 261 -7.63 21.00 -3.48
N ILE A 262 -6.36 21.32 -3.70
CA ILE A 262 -5.34 21.04 -2.71
C ILE A 262 -5.42 22.02 -1.55
N ILE A 263 -5.73 23.28 -1.83
CA ILE A 263 -5.95 24.25 -0.75
C ILE A 263 -7.12 23.80 0.13
N SER A 264 -8.23 23.43 -0.50
CA SER A 264 -9.35 22.87 0.25
C SER A 264 -8.91 21.66 1.06
N LEU A 265 -8.07 20.79 0.47
CA LEU A 265 -7.63 19.59 1.19
C LEU A 265 -6.88 19.96 2.46
N MET A 266 -5.89 20.85 2.37
CA MET A 266 -5.10 21.16 3.55
C MET A 266 -5.96 21.80 4.62
N LYS A 267 -6.92 22.64 4.21
CA LYS A 267 -7.83 23.25 5.18
C LYS A 267 -8.68 22.18 5.87
N LEU A 268 -9.12 21.18 5.11
CA LEU A 268 -9.86 20.07 5.71
C LEU A 268 -8.99 19.30 6.70
N CYS A 269 -7.70 19.14 6.39
CA CYS A 269 -6.84 18.31 7.24
C CYS A 269 -6.28 19.04 8.46
N TRP A 270 -6.25 20.38 8.46
CA TRP A 270 -5.77 21.08 9.65
C TRP A 270 -6.90 21.71 10.46
N GLU A 271 -8.13 21.23 10.28
CA GLU A 271 -9.25 21.69 11.09
C GLU A 271 -8.96 21.50 12.56
N ALA A 272 -9.45 22.43 13.39
CA ALA A 272 -9.18 22.38 14.81
C ALA A 272 -9.75 21.12 15.46
N ASN A 273 -10.98 20.74 15.08
CA ASN A 273 -11.60 19.56 15.66
C ASN A 273 -10.93 18.30 15.11
N PRO A 274 -10.11 17.59 15.90
CA PRO A 274 -9.40 16.43 15.35
C PRO A 274 -10.32 15.37 14.76
N GLU A 275 -11.45 15.08 15.43
CA GLU A 275 -12.36 14.06 14.94
C GLU A 275 -13.05 14.46 13.64
N ALA A 276 -12.91 15.72 13.21
CA ALA A 276 -13.46 16.16 11.94
C ALA A 276 -12.45 16.04 10.80
N ARG A 277 -11.18 15.87 11.11
CA ARG A 277 -10.20 15.61 10.07
C ARG A 277 -10.47 14.25 9.43
N PRO A 278 -10.28 14.12 8.12
CA PRO A 278 -10.55 12.84 7.47
C PRO A 278 -9.48 11.82 7.81
N THR A 279 -9.72 10.58 7.37
CA THR A 279 -8.71 9.53 7.47
C THR A 279 -7.81 9.55 6.25
N PHE A 280 -6.69 8.83 6.34
CA PHE A 280 -5.80 8.82 5.21
C PHE A 280 -6.40 8.00 4.06
N PRO A 281 -7.09 6.89 4.33
CA PRO A 281 -7.85 6.25 3.24
C PRO A 281 -8.90 7.17 2.66
N GLY A 282 -9.57 7.96 3.50
CA GLY A 282 -10.53 8.93 2.99
C GLY A 282 -9.88 10.01 2.15
N ILE A 283 -8.68 10.45 2.55
CA ILE A 283 -7.95 11.42 1.74
C ILE A 283 -7.56 10.81 0.40
N GLU A 284 -7.07 9.56 0.42
CA GLU A 284 -6.63 8.91 -0.81
C GLU A 284 -7.77 8.75 -1.80
N GLU A 285 -8.97 8.45 -1.30
CA GLU A 285 -10.08 8.18 -2.21
C GLU A 285 -10.40 9.40 -3.08
N LYS A 286 -10.24 10.60 -2.54
CA LYS A 286 -10.53 11.79 -3.33
C LYS A 286 -9.28 12.37 -4.00
N PHE A 287 -8.09 12.21 -3.41
CA PHE A 287 -6.91 12.79 -4.04
C PHE A 287 -6.44 11.98 -5.23
N ARG A 288 -6.50 10.65 -5.16
CA ARG A 288 -5.97 9.84 -6.25
C ARG A 288 -6.66 10.15 -7.58
N PRO A 289 -7.99 10.13 -7.69
CA PRO A 289 -8.61 10.45 -8.98
C PRO A 289 -8.33 11.87 -9.43
N PHE A 290 -8.20 12.82 -8.51
CA PHE A 290 -7.83 14.18 -8.88
C PHE A 290 -6.40 14.23 -9.43
N TYR A 291 -5.47 13.58 -8.72
CA TYR A 291 -4.10 13.49 -9.22
C TYR A 291 -4.06 12.96 -10.64
N LEU A 292 -4.84 11.89 -10.91
CA LEU A 292 -4.73 11.22 -12.20
C LEU A 292 -5.31 12.05 -13.33
N SER A 293 -6.36 12.84 -13.08
CA SER A 293 -7.00 13.57 -14.16
C SER A 293 -6.44 14.98 -14.34
N GLN A 294 -5.76 15.53 -13.34
CA GLN A 294 -5.33 16.93 -13.39
C GLN A 294 -3.83 17.12 -13.32
N LEU A 295 -3.12 16.30 -12.55
CA LEU A 295 -1.71 16.54 -12.25
C LEU A 295 -0.75 15.60 -12.96
N GLU A 296 -1.09 14.32 -13.07
CA GLU A 296 -0.18 13.35 -13.68
C GLU A 296 0.10 13.67 -15.15
N VAL B 11 -20.58 1.35 3.86
CA VAL B 11 -21.52 0.74 2.92
C VAL B 11 -22.93 1.21 3.23
N ILE B 12 -23.46 2.05 2.34
CA ILE B 12 -24.80 2.60 2.51
C ILE B 12 -25.83 1.56 2.10
N LYS B 13 -26.83 1.35 2.95
CA LYS B 13 -27.95 0.48 2.58
C LYS B 13 -28.78 1.17 1.49
N MET B 14 -28.85 0.56 0.33
CA MET B 14 -29.51 1.15 -0.82
C MET B 14 -30.85 0.46 -1.09
N LYS B 15 -31.73 1.21 -1.75
CA LYS B 15 -33.06 0.73 -2.11
C LYS B 15 -33.13 0.54 -3.63
N SER B 16 -33.85 -0.50 -4.05
CA SER B 16 -34.04 -0.73 -5.48
C SER B 16 -34.60 0.51 -6.17
N SER B 17 -35.52 1.21 -5.49
CA SER B 17 -36.10 2.42 -6.05
C SER B 17 -35.07 3.52 -6.27
N ASP B 18 -33.90 3.42 -5.63
CA ASP B 18 -32.84 4.40 -5.79
C ASP B 18 -32.09 4.27 -7.10
N PHE B 19 -32.41 3.28 -7.92
CA PHE B 19 -31.73 3.04 -9.18
C PHE B 19 -32.70 3.24 -10.33
N LEU B 20 -32.26 3.95 -11.36
CA LEU B 20 -33.06 4.24 -12.55
C LEU B 20 -32.54 3.40 -13.71
N GLU B 21 -32.76 2.10 -13.62
CA GLU B 21 -32.33 1.17 -14.66
C GLU B 21 -30.81 1.10 -14.75
N VAL B 33 -25.66 -9.67 -12.82
CA VAL B 33 -24.80 -8.48 -12.91
C VAL B 33 -25.42 -7.48 -13.87
N SER B 34 -25.57 -6.23 -13.42
CA SER B 34 -26.23 -5.22 -14.23
C SER B 34 -25.63 -3.85 -13.94
N LEU B 35 -25.59 -3.01 -14.97
CA LEU B 35 -25.18 -1.63 -14.85
C LEU B 35 -26.41 -0.75 -14.61
N ALA B 36 -26.38 0.06 -13.55
CA ALA B 36 -27.54 0.84 -13.16
C ALA B 36 -27.11 2.23 -12.71
N PHE B 37 -27.81 3.25 -13.20
CA PHE B 37 -27.64 4.60 -12.69
C PHE B 37 -28.38 4.74 -11.37
N HIS B 38 -27.67 5.12 -10.33
CA HIS B 38 -28.28 5.28 -9.01
C HIS B 38 -28.53 6.77 -8.80
N ARG B 39 -29.69 7.09 -8.23
CA ARG B 39 -30.30 8.42 -8.39
C ARG B 39 -29.38 9.58 -7.99
N THR B 40 -28.38 9.35 -7.16
CA THR B 40 -27.54 10.46 -6.71
C THR B 40 -26.05 10.16 -6.61
N GLN B 41 -25.63 8.90 -6.65
CA GLN B 41 -24.22 8.51 -6.58
C GLN B 41 -23.64 8.11 -7.93
N GLY B 42 -24.47 7.86 -8.93
CA GLY B 42 -24.00 7.65 -10.28
C GLY B 42 -23.96 6.19 -10.70
N LEU B 43 -23.10 5.94 -11.69
CA LEU B 43 -22.99 4.61 -12.29
C LEU B 43 -22.29 3.64 -11.34
N MET B 44 -22.87 2.45 -11.19
CA MET B 44 -22.24 1.39 -10.42
C MET B 44 -22.72 0.05 -10.95
N ILE B 45 -22.08 -1.01 -10.48
CA ILE B 45 -22.40 -2.37 -10.87
C ILE B 45 -23.25 -3.01 -9.78
N MET B 46 -24.32 -3.68 -10.18
CA MET B 46 -25.20 -4.38 -9.26
C MET B 46 -25.14 -5.87 -9.55
N LYS B 47 -24.84 -6.65 -8.51
CA LYS B 47 -24.82 -8.11 -8.60
C LYS B 47 -25.93 -8.65 -7.73
N THR B 48 -27.05 -9.02 -8.36
CA THR B 48 -28.18 -9.57 -7.64
C THR B 48 -27.87 -11.03 -7.27
N VAL B 49 -27.82 -11.31 -5.96
CA VAL B 49 -27.38 -12.62 -5.50
C VAL B 49 -28.52 -13.60 -5.32
N TYR B 50 -29.76 -13.13 -5.17
CA TYR B 50 -30.88 -14.05 -5.09
C TYR B 50 -32.19 -13.28 -5.21
N LYS B 51 -33.16 -13.93 -5.83
CA LYS B 51 -34.54 -13.47 -5.88
C LYS B 51 -35.44 -14.68 -5.65
N GLY B 52 -36.37 -14.56 -4.71
CA GLY B 52 -37.27 -15.64 -4.40
C GLY B 52 -38.00 -15.43 -3.09
N PRO B 53 -38.48 -16.52 -2.49
CA PRO B 53 -39.21 -16.40 -1.22
C PRO B 53 -38.40 -15.65 -0.17
N ASN B 54 -39.09 -15.06 0.80
CA ASN B 54 -38.43 -14.25 1.81
C ASN B 54 -37.43 -15.07 2.61
N CYS B 55 -36.20 -14.56 2.70
CA CYS B 55 -35.15 -15.19 3.50
C CYS B 55 -34.74 -14.26 4.63
N ILE B 56 -35.73 -13.78 5.40
CA ILE B 56 -35.47 -12.73 6.38
C ILE B 56 -34.49 -13.20 7.45
N GLU B 57 -34.52 -14.48 7.80
CA GLU B 57 -33.60 -14.99 8.80
C GLU B 57 -32.17 -14.86 8.29
N HIS B 58 -31.29 -14.36 9.15
CA HIS B 58 -29.87 -14.13 8.88
C HIS B 58 -29.63 -12.83 8.11
N ASN B 59 -30.66 -11.98 7.96
CA ASN B 59 -30.45 -10.68 7.32
C ASN B 59 -29.39 -9.87 8.03
N GLU B 60 -29.19 -10.11 9.34
CA GLU B 60 -28.14 -9.43 10.07
C GLU B 60 -26.76 -9.95 9.67
N ALA B 61 -26.64 -11.26 9.48
CA ALA B 61 -25.34 -11.83 9.09
C ALA B 61 -24.96 -11.40 7.68
N LEU B 62 -25.93 -11.27 6.78
CA LEU B 62 -25.65 -10.77 5.45
C LEU B 62 -25.13 -9.35 5.50
N LEU B 63 -25.76 -8.50 6.31
CA LEU B 63 -25.28 -7.13 6.48
C LEU B 63 -23.95 -7.10 7.22
N GLU B 64 -23.84 -7.85 8.32
CA GLU B 64 -22.59 -7.90 9.06
C GLU B 64 -21.43 -8.29 8.14
N GLU B 65 -21.62 -9.33 7.34
CA GLU B 65 -20.59 -9.73 6.39
C GLU B 65 -20.27 -8.59 5.43
N ALA B 66 -21.29 -7.90 4.92
CA ALA B 66 -21.05 -6.80 4.00
C ALA B 66 -20.19 -5.72 4.63
N LYS B 67 -20.48 -5.36 5.89
CA LYS B 67 -19.66 -4.37 6.58
C LYS B 67 -18.25 -4.89 6.83
N MET B 68 -18.11 -6.19 7.09
CA MET B 68 -16.78 -6.80 7.23
C MET B 68 -15.96 -6.60 5.95
N MET B 69 -16.53 -6.95 4.80
CA MET B 69 -15.82 -6.82 3.54
C MET B 69 -15.59 -5.35 3.18
N ASN B 70 -16.52 -4.47 3.56
CA ASN B 70 -16.37 -3.05 3.24
C ASN B 70 -15.12 -2.45 3.85
N ARG B 71 -14.55 -3.08 4.88
CA ARG B 71 -13.34 -2.59 5.51
C ARG B 71 -12.08 -2.86 4.69
N LEU B 72 -12.17 -3.68 3.64
CA LEU B 72 -11.05 -3.92 2.73
C LEU B 72 -10.96 -2.74 1.78
N ARG B 73 -10.15 -1.75 2.14
CA ARG B 73 -10.10 -0.47 1.43
C ARG B 73 -8.68 -0.22 0.95
N HIS B 74 -8.48 -0.34 -0.36
CA HIS B 74 -7.18 -0.18 -0.99
C HIS B 74 -7.41 0.22 -2.44
N SER B 75 -6.44 0.95 -3.00
CA SER B 75 -6.63 1.47 -4.35
C SER B 75 -6.68 0.38 -5.41
N ARG B 76 -6.16 -0.82 -5.11
CA ARG B 76 -6.19 -1.91 -6.07
C ARG B 76 -7.20 -2.99 -5.68
N VAL B 77 -8.19 -2.65 -4.86
CA VAL B 77 -9.23 -3.57 -4.43
C VAL B 77 -10.58 -2.94 -4.74
N VAL B 78 -11.48 -3.71 -5.35
N VAL B 78 -11.48 -3.71 -5.36
CA VAL B 78 -12.79 -3.16 -5.72
CA VAL B 78 -12.80 -3.18 -5.71
C VAL B 78 -13.56 -2.78 -4.47
C VAL B 78 -13.55 -2.77 -4.46
N LYS B 79 -14.24 -1.64 -4.55
CA LYS B 79 -15.01 -1.11 -3.42
C LYS B 79 -16.43 -1.68 -3.44
N LEU B 80 -16.88 -2.17 -2.28
CA LEU B 80 -18.28 -2.52 -2.09
C LEU B 80 -19.00 -1.26 -1.62
N LEU B 81 -19.80 -0.66 -2.50
CA LEU B 81 -20.41 0.63 -2.17
C LEU B 81 -21.71 0.45 -1.39
N GLY B 82 -22.56 -0.48 -1.80
CA GLY B 82 -23.85 -0.63 -1.16
C GLY B 82 -24.29 -2.08 -1.11
N VAL B 83 -25.41 -2.28 -0.42
CA VAL B 83 -26.04 -3.59 -0.28
C VAL B 83 -27.55 -3.39 -0.32
N ILE B 84 -28.22 -4.19 -1.14
CA ILE B 84 -29.68 -4.16 -1.24
C ILE B 84 -30.21 -5.36 -0.48
N ILE B 85 -30.90 -5.09 0.63
CA ILE B 85 -31.46 -6.15 1.48
C ILE B 85 -32.95 -5.84 1.60
N GLU B 86 -33.74 -6.41 0.68
CA GLU B 86 -35.18 -6.21 0.65
C GLU B 86 -35.86 -7.56 0.58
N GLU B 87 -37.17 -7.57 0.86
CA GLU B 87 -37.91 -8.84 0.90
C GLU B 87 -37.83 -9.53 -0.45
N GLY B 88 -37.22 -10.71 -0.47
CA GLY B 88 -37.11 -11.51 -1.67
C GLY B 88 -36.05 -11.07 -2.66
N LYS B 89 -35.35 -9.96 -2.41
CA LYS B 89 -34.37 -9.42 -3.34
C LYS B 89 -33.11 -9.06 -2.57
N TYR B 90 -31.97 -9.58 -3.02
CA TYR B 90 -30.69 -9.33 -2.37
C TYR B 90 -29.65 -9.03 -3.43
N SER B 91 -28.87 -7.96 -3.21
CA SER B 91 -27.91 -7.52 -4.19
C SER B 91 -26.72 -6.89 -3.49
N LEU B 92 -25.54 -7.02 -4.11
CA LEU B 92 -24.34 -6.30 -3.72
C LEU B 92 -24.01 -5.30 -4.82
N VAL B 93 -23.63 -4.09 -4.42
CA VAL B 93 -23.42 -2.99 -5.36
C VAL B 93 -21.99 -2.51 -5.20
N MET B 94 -21.21 -2.59 -6.27
CA MET B 94 -19.81 -2.19 -6.26
C MET B 94 -19.57 -1.13 -7.33
N GLU B 95 -18.36 -0.59 -7.33
CA GLU B 95 -18.02 0.46 -8.26
C GLU B 95 -17.91 -0.09 -9.68
N TYR B 96 -18.19 0.78 -10.64
CA TYR B 96 -18.17 0.42 -12.06
C TYR B 96 -16.73 0.52 -12.58
N MET B 97 -16.24 -0.57 -13.16
CA MET B 97 -14.91 -0.63 -13.77
C MET B 97 -15.12 -0.67 -15.29
N GLU B 98 -14.74 0.41 -15.96
CA GLU B 98 -15.26 0.70 -17.29
C GLU B 98 -14.83 -0.32 -18.35
N LYS B 99 -13.62 -0.87 -18.25
CA LYS B 99 -13.09 -1.71 -19.32
C LYS B 99 -13.30 -3.20 -19.09
N GLY B 100 -14.10 -3.58 -18.08
CA GLY B 100 -14.36 -5.00 -17.87
C GLY B 100 -13.21 -5.72 -17.19
N ASN B 101 -13.16 -7.03 -17.41
CA ASN B 101 -12.13 -7.82 -16.74
C ASN B 101 -10.87 -7.91 -17.61
N LEU B 102 -9.80 -8.42 -16.99
CA LEU B 102 -8.48 -8.38 -17.60
C LEU B 102 -8.45 -9.12 -18.94
N MET B 103 -9.07 -10.31 -19.00
CA MET B 103 -9.06 -11.08 -20.24
C MET B 103 -9.75 -10.30 -21.37
N HIS B 104 -10.87 -9.65 -21.06
CA HIS B 104 -11.54 -8.84 -22.07
C HIS B 104 -10.61 -7.77 -22.60
N VAL B 105 -9.81 -7.16 -21.73
CA VAL B 105 -8.89 -6.12 -22.16
C VAL B 105 -7.77 -6.71 -23.00
N LEU B 106 -7.21 -7.85 -22.56
CA LEU B 106 -6.08 -8.44 -23.27
C LEU B 106 -6.45 -8.87 -24.69
N LYS B 107 -7.72 -9.22 -24.91
CA LYS B 107 -8.15 -9.73 -26.20
C LYS B 107 -8.73 -8.65 -27.11
N ALA B 108 -8.69 -7.39 -26.70
CA ALA B 108 -9.19 -6.31 -27.53
C ALA B 108 -8.33 -6.12 -28.77
N GLU B 109 -8.90 -5.47 -29.79
CA GLU B 109 -8.18 -5.26 -31.04
C GLU B 109 -6.96 -4.38 -30.83
N MET B 110 -7.09 -3.33 -30.00
CA MET B 110 -5.95 -2.50 -29.66
C MET B 110 -5.07 -3.24 -28.66
N SER B 111 -3.79 -3.41 -29.00
CA SER B 111 -2.87 -4.15 -28.15
C SER B 111 -2.46 -3.32 -26.95
N THR B 112 -2.30 -3.99 -25.81
CA THR B 112 -1.90 -3.33 -24.58
C THR B 112 -0.37 -3.23 -24.53
N PRO B 113 0.21 -2.03 -24.50
CA PRO B 113 1.66 -1.92 -24.52
C PRO B 113 2.33 -2.53 -23.31
N LEU B 114 3.61 -2.89 -23.49
CA LEU B 114 4.37 -3.60 -22.47
C LEU B 114 4.41 -2.81 -21.16
N SER B 115 4.62 -1.49 -21.25
CA SER B 115 4.72 -0.69 -20.03
C SER B 115 3.42 -0.74 -19.23
N VAL B 116 2.28 -0.77 -19.94
CA VAL B 116 0.99 -0.88 -19.24
C VAL B 116 0.83 -2.26 -18.64
N LYS B 117 1.21 -3.30 -19.37
CA LYS B 117 1.17 -4.65 -18.82
C LYS B 117 2.04 -4.75 -17.57
N GLY B 118 3.23 -4.14 -17.61
CA GLY B 118 4.08 -4.14 -16.44
C GLY B 118 3.43 -3.45 -15.25
N ARG B 119 2.74 -2.34 -15.50
CA ARG B 119 2.05 -1.63 -14.42
C ARG B 119 0.89 -2.46 -13.89
N ILE B 120 0.16 -3.14 -14.77
CA ILE B 120 -0.93 -4.00 -14.34
C ILE B 120 -0.41 -5.07 -13.38
N ILE B 121 0.71 -5.71 -13.73
CA ILE B 121 1.30 -6.71 -12.85
C ILE B 121 1.65 -6.10 -11.51
N LEU B 122 2.29 -4.93 -11.51
CA LEU B 122 2.67 -4.29 -10.26
C LEU B 122 1.44 -4.00 -9.40
N GLU B 123 0.33 -3.59 -10.02
CA GLU B 123 -0.86 -3.26 -9.26
C GLU B 123 -1.54 -4.51 -8.69
N ILE B 124 -1.51 -5.63 -9.43
CA ILE B 124 -2.00 -6.88 -8.88
C ILE B 124 -1.22 -7.26 -7.64
N ILE B 125 0.12 -7.14 -7.70
CA ILE B 125 0.98 -7.44 -6.55
C ILE B 125 0.58 -6.57 -5.36
N GLU B 126 0.42 -5.26 -5.59
CA GLU B 126 0.03 -4.35 -4.52
C GLU B 126 -1.30 -4.77 -3.90
N GLY B 127 -2.30 -5.07 -4.73
CA GLY B 127 -3.59 -5.45 -4.20
C GLY B 127 -3.51 -6.75 -3.41
N MET B 128 -2.81 -7.75 -3.94
CA MET B 128 -2.73 -9.03 -3.26
C MET B 128 -1.91 -8.94 -1.98
N ALA B 129 -0.89 -8.09 -1.95
CA ALA B 129 -0.16 -7.86 -0.71
C ALA B 129 -1.06 -7.24 0.35
N TYR B 130 -1.90 -6.28 -0.05
CA TYR B 130 -2.82 -5.68 0.91
C TYR B 130 -3.76 -6.75 1.49
N LEU B 131 -4.39 -7.54 0.61
CA LEU B 131 -5.36 -8.54 1.07
C LEU B 131 -4.71 -9.53 2.01
N HIS B 132 -3.57 -10.11 1.62
CA HIS B 132 -2.86 -11.02 2.51
C HIS B 132 -2.46 -10.32 3.81
N GLY B 133 -2.08 -9.05 3.72
CA GLY B 133 -1.80 -8.29 4.92
C GLY B 133 -2.99 -8.19 5.85
N LYS B 134 -4.20 -8.24 5.29
CA LYS B 134 -5.42 -8.25 6.09
C LYS B 134 -5.86 -9.66 6.47
N GLY B 135 -5.03 -10.67 6.21
CA GLY B 135 -5.39 -12.03 6.50
C GLY B 135 -6.39 -12.64 5.55
N VAL B 136 -6.48 -12.12 4.32
CA VAL B 136 -7.49 -12.52 3.37
C VAL B 136 -6.83 -13.33 2.26
N ILE B 137 -7.18 -14.59 2.16
CA ILE B 137 -6.80 -15.43 1.04
C ILE B 137 -7.89 -15.33 -0.03
N HIS B 138 -7.51 -15.02 -1.26
CA HIS B 138 -8.51 -14.86 -2.30
C HIS B 138 -9.13 -16.20 -2.68
N LYS B 139 -8.29 -17.15 -3.07
CA LYS B 139 -8.70 -18.53 -3.34
C LYS B 139 -9.19 -18.72 -4.78
N ASP B 140 -9.58 -17.63 -5.45
CA ASP B 140 -10.03 -17.73 -6.84
C ASP B 140 -9.50 -16.55 -7.64
N LEU B 141 -8.21 -16.26 -7.51
CA LEU B 141 -7.60 -15.23 -8.34
C LEU B 141 -7.51 -15.73 -9.77
N LYS B 142 -7.90 -14.87 -10.72
CA LYS B 142 -7.96 -15.20 -12.13
C LYS B 142 -8.32 -13.93 -12.91
N PRO B 143 -8.12 -13.92 -14.23
CA PRO B 143 -8.37 -12.68 -14.98
C PRO B 143 -9.77 -12.13 -14.81
N GLU B 144 -10.79 -12.98 -14.63
CA GLU B 144 -12.15 -12.45 -14.49
C GLU B 144 -12.34 -11.69 -13.19
N ASN B 145 -11.48 -11.89 -12.20
CA ASN B 145 -11.56 -11.14 -10.95
C ASN B 145 -10.58 -9.98 -10.89
N ILE B 146 -9.99 -9.61 -12.02
CA ILE B 146 -9.14 -8.44 -12.14
C ILE B 146 -9.84 -7.48 -13.08
N LEU B 147 -10.38 -6.40 -12.53
CA LEU B 147 -11.17 -5.43 -13.27
C LEU B 147 -10.31 -4.23 -13.64
N VAL B 148 -10.71 -3.56 -14.73
CA VAL B 148 -9.87 -2.55 -15.36
C VAL B 148 -10.70 -1.28 -15.56
N ASP B 149 -10.17 -0.15 -15.13
CA ASP B 149 -10.87 1.11 -15.29
C ASP B 149 -10.43 1.77 -16.60
N ASN B 150 -10.90 3.00 -16.83
CA ASN B 150 -10.71 3.65 -18.12
C ASN B 150 -9.24 3.97 -18.40
N ASP B 151 -8.42 4.11 -17.36
CA ASP B 151 -7.00 4.40 -17.52
C ASP B 151 -6.13 3.15 -17.44
N PHE B 152 -6.72 1.97 -17.52
CA PHE B 152 -6.02 0.70 -17.46
C PHE B 152 -5.42 0.40 -16.09
N HIS B 153 -5.84 1.13 -15.06
CA HIS B 153 -5.58 0.71 -13.69
C HIS B 153 -6.55 -0.40 -13.31
N ILE B 154 -6.10 -1.31 -12.44
CA ILE B 154 -6.87 -2.51 -12.14
C ILE B 154 -7.26 -2.53 -10.66
N LYS B 155 -8.28 -3.34 -10.37
CA LYS B 155 -8.74 -3.59 -9.01
C LYS B 155 -9.12 -5.06 -8.90
N ILE B 156 -8.80 -5.66 -7.75
CA ILE B 156 -9.09 -7.07 -7.51
C ILE B 156 -10.51 -7.20 -6.95
N ALA B 157 -11.27 -8.14 -7.49
CA ALA B 157 -12.66 -8.37 -7.11
C ALA B 157 -12.85 -9.81 -6.63
N ASP B 158 -14.03 -10.07 -6.08
CA ASP B 158 -14.42 -11.42 -5.64
C ASP B 158 -15.81 -11.74 -6.17
N LEU B 159 -15.95 -11.71 -7.50
CA LEU B 159 -17.28 -11.81 -8.12
C LEU B 159 -17.93 -13.16 -7.86
N GLY B 160 -17.14 -14.23 -7.73
CA GLY B 160 -17.68 -15.52 -7.37
C GLY B 160 -18.06 -15.68 -5.91
N LEU B 161 -17.80 -14.66 -5.09
CA LEU B 161 -18.19 -14.66 -3.68
C LEU B 161 -17.43 -15.72 -2.89
N ALA B 162 -16.18 -15.97 -3.27
CA ALA B 162 -15.36 -16.91 -2.51
C ALA B 162 -15.03 -16.40 -1.12
N SER B 163 -15.11 -15.09 -0.89
CA SER B 163 -14.87 -14.52 0.43
C SER B 163 -16.13 -14.06 1.14
N PHE B 164 -17.29 -14.06 0.45
CA PHE B 164 -18.57 -13.70 1.05
C PHE B 164 -19.27 -14.99 1.46
N LYS B 165 -18.87 -15.55 2.60
CA LYS B 165 -19.41 -16.83 3.05
C LYS B 165 -20.94 -16.78 3.12
N MET B 166 -21.48 -15.85 3.91
CA MET B 166 -22.92 -15.75 4.07
C MET B 166 -23.60 -15.48 2.72
N TRP B 167 -23.09 -14.50 1.96
CA TRP B 167 -23.73 -14.16 0.69
C TRP B 167 -23.64 -15.29 -0.32
N SER B 168 -22.54 -16.06 -0.31
CA SER B 168 -22.46 -17.22 -1.19
C SER B 168 -23.52 -18.26 -0.84
N LYS B 169 -23.83 -18.43 0.44
CA LYS B 169 -24.86 -19.38 0.82
C LYS B 169 -26.24 -18.90 0.40
N LEU B 170 -26.53 -17.61 0.59
CA LEU B 170 -27.78 -17.05 0.09
C LEU B 170 -27.93 -17.28 -1.40
N ASN B 171 -26.84 -17.15 -2.15
CA ASN B 171 -26.87 -17.46 -3.58
C ASN B 171 -27.32 -18.90 -3.81
N ASN B 172 -27.10 -19.79 -2.84
CA ASN B 172 -27.40 -21.20 -3.00
C ASN B 172 -28.62 -21.66 -2.21
N GLU B 173 -29.32 -20.76 -1.53
CA GLU B 173 -30.51 -21.14 -0.76
C GLU B 173 -31.68 -21.49 -1.68
N GLY B 190 -12.20 -23.83 -18.21
CA GLY B 190 -11.20 -22.80 -17.97
C GLY B 190 -11.21 -22.27 -16.55
N THR B 191 -12.23 -22.66 -15.79
CA THR B 191 -12.34 -22.22 -14.40
C THR B 191 -11.26 -22.82 -13.50
N LEU B 192 -10.52 -23.83 -13.97
CA LEU B 192 -9.49 -24.48 -13.18
C LEU B 192 -8.08 -24.13 -13.62
N TYR B 193 -7.91 -23.32 -14.67
CA TYR B 193 -6.58 -23.08 -15.22
C TYR B 193 -5.66 -22.33 -14.26
N TYR B 194 -6.20 -21.61 -13.27
CA TYR B 194 -5.41 -20.78 -12.38
C TYR B 194 -5.32 -21.35 -10.97
N MET B 195 -5.80 -22.57 -10.77
CA MET B 195 -5.95 -23.13 -9.44
C MET B 195 -4.70 -23.95 -9.09
N ALA B 196 -4.18 -23.73 -7.89
CA ALA B 196 -2.97 -24.43 -7.47
C ALA B 196 -3.18 -25.94 -7.53
N PRO B 197 -2.18 -26.71 -7.97
CA PRO B 197 -2.37 -28.16 -8.09
C PRO B 197 -2.75 -28.84 -6.78
N GLU B 198 -2.33 -28.29 -5.64
CA GLU B 198 -2.68 -28.89 -4.36
C GLU B 198 -4.18 -28.91 -4.12
N HIS B 199 -4.94 -28.12 -4.87
CA HIS B 199 -6.39 -28.08 -4.75
C HIS B 199 -7.10 -28.87 -5.85
N LEU B 200 -6.39 -29.22 -6.92
CA LEU B 200 -6.96 -30.08 -7.94
C LEU B 200 -7.22 -31.47 -7.37
N ASN B 201 -8.46 -31.93 -7.48
CA ASN B 201 -8.85 -33.26 -7.01
C ASN B 201 -8.67 -33.41 -5.51
N ASP B 202 -8.70 -32.30 -4.76
CA ASP B 202 -8.57 -32.33 -3.30
C ASP B 202 -9.27 -31.07 -2.77
N VAL B 203 -10.60 -31.17 -2.62
CA VAL B 203 -11.41 -30.02 -2.25
C VAL B 203 -11.40 -29.71 -0.77
N ASN B 204 -10.91 -30.63 0.06
CA ASN B 204 -10.90 -30.43 1.49
C ASN B 204 -9.63 -29.74 1.98
N ALA B 205 -8.58 -29.67 1.16
CA ALA B 205 -7.35 -29.01 1.58
C ALA B 205 -7.58 -27.51 1.75
N LYS B 206 -7.12 -26.98 2.88
CA LYS B 206 -7.31 -25.56 3.17
C LYS B 206 -6.41 -24.70 2.29
N PRO B 207 -6.94 -23.70 1.61
CA PRO B 207 -6.08 -22.80 0.81
C PRO B 207 -5.13 -22.02 1.71
N THR B 208 -4.09 -21.49 1.08
CA THR B 208 -3.11 -20.65 1.77
C THR B 208 -2.71 -19.50 0.85
N GLU B 209 -1.90 -18.59 1.39
CA GLU B 209 -1.39 -17.49 0.57
C GLU B 209 -0.66 -18.01 -0.65
N LYS B 210 0.03 -19.15 -0.51
N LYS B 210 0.03 -19.15 -0.51
CA LYS B 210 0.76 -19.71 -1.66
CA LYS B 210 0.74 -19.72 -1.66
C LYS B 210 -0.20 -20.20 -2.75
C LYS B 210 -0.21 -20.16 -2.75
N SER B 211 -1.45 -20.50 -2.40
CA SER B 211 -2.44 -20.84 -3.42
C SER B 211 -2.69 -19.65 -4.34
N ASP B 212 -2.76 -18.44 -3.78
CA ASP B 212 -2.94 -17.24 -4.58
C ASP B 212 -1.71 -16.95 -5.43
N VAL B 213 -0.52 -17.23 -4.90
CA VAL B 213 0.70 -16.96 -5.66
C VAL B 213 0.75 -17.82 -6.91
N TYR B 214 0.29 -19.07 -6.81
CA TYR B 214 0.16 -19.90 -8.00
C TYR B 214 -0.74 -19.24 -9.04
N SER B 215 -1.96 -18.87 -8.63
CA SER B 215 -2.88 -18.24 -9.58
C SER B 215 -2.23 -17.03 -10.23
N PHE B 216 -1.52 -16.21 -9.44
CA PHE B 216 -0.81 -15.06 -9.98
C PHE B 216 0.16 -15.48 -11.09
N ALA B 217 0.90 -16.56 -10.88
CA ALA B 217 1.85 -17.02 -11.90
C ALA B 217 1.16 -17.25 -13.24
N VAL B 218 -0.02 -17.88 -13.22
CA VAL B 218 -0.72 -18.15 -14.47
C VAL B 218 -1.34 -16.88 -15.03
N VAL B 219 -1.72 -15.94 -14.17
CA VAL B 219 -2.18 -14.64 -14.67
C VAL B 219 -1.06 -13.93 -15.42
N LEU B 220 0.17 -14.02 -14.92
CA LEU B 220 1.31 -13.45 -15.63
C LEU B 220 1.41 -14.03 -17.04
N TRP B 221 1.29 -15.35 -17.14
CA TRP B 221 1.33 -16.00 -18.44
C TRP B 221 0.23 -15.48 -19.36
N ALA B 222 -1.00 -15.44 -18.87
CA ALA B 222 -2.11 -14.95 -19.70
C ALA B 222 -1.90 -13.50 -20.12
N ILE B 223 -1.24 -12.70 -19.28
CA ILE B 223 -1.07 -11.29 -19.60
C ILE B 223 -0.17 -11.13 -20.81
N PHE B 224 0.82 -12.00 -20.96
CA PHE B 224 1.70 -11.89 -22.12
C PHE B 224 1.26 -12.79 -23.27
N ALA B 225 0.46 -13.82 -23.01
CA ALA B 225 -0.07 -14.64 -24.09
C ALA B 225 -1.32 -14.04 -24.72
N ASN B 226 -2.03 -13.16 -24.01
CA ASN B 226 -3.28 -12.58 -24.50
C ASN B 226 -4.37 -13.64 -24.70
N LYS B 227 -4.32 -14.73 -23.92
CA LYS B 227 -5.29 -15.79 -24.09
C LYS B 227 -5.22 -16.73 -22.91
N GLU B 228 -6.18 -17.66 -22.84
CA GLU B 228 -6.19 -18.67 -21.80
C GLU B 228 -5.14 -19.74 -22.11
N PRO B 229 -4.59 -20.40 -21.09
CA PRO B 229 -3.60 -21.45 -21.33
C PRO B 229 -4.24 -22.78 -21.67
N TYR B 230 -3.38 -23.75 -22.01
CA TYR B 230 -3.78 -25.15 -22.15
C TYR B 230 -4.71 -25.38 -23.34
N GLU B 231 -4.63 -24.55 -24.37
CA GLU B 231 -5.56 -24.71 -25.48
C GLU B 231 -5.37 -26.03 -26.23
N ASN B 232 -4.21 -26.68 -26.08
CA ASN B 232 -3.94 -27.94 -26.75
C ASN B 232 -4.20 -29.17 -25.88
N ALA B 233 -4.69 -28.99 -24.65
CA ALA B 233 -4.94 -30.13 -23.79
C ALA B 233 -5.96 -31.08 -24.42
N ILE B 234 -5.98 -32.31 -23.91
CA ILE B 234 -6.89 -33.34 -24.43
C ILE B 234 -8.24 -33.24 -23.74
N ALA B 235 -8.26 -33.46 -22.42
CA ALA B 235 -9.50 -33.42 -21.66
C ALA B 235 -9.19 -32.93 -20.25
N GLU B 236 -10.24 -32.53 -19.53
CA GLU B 236 -10.06 -31.95 -18.21
C GLU B 236 -9.42 -32.95 -17.24
N GLN B 237 -9.98 -34.15 -17.14
CA GLN B 237 -9.46 -35.12 -16.19
C GLN B 237 -7.99 -35.41 -16.46
N GLN B 238 -7.61 -35.53 -17.74
CA GLN B 238 -6.21 -35.74 -18.07
C GLN B 238 -5.39 -34.48 -17.89
N LEU B 239 -5.98 -33.31 -18.19
CA LEU B 239 -5.27 -32.06 -17.94
C LEU B 239 -5.03 -31.86 -16.46
N ILE B 240 -6.04 -32.12 -15.63
CA ILE B 240 -5.88 -31.97 -14.19
C ILE B 240 -4.73 -32.83 -13.68
N MET B 241 -4.69 -34.09 -14.11
CA MET B 241 -3.62 -34.98 -13.67
C MET B 241 -2.27 -34.55 -14.24
N ALA B 242 -2.26 -34.05 -15.47
CA ALA B 242 -1.02 -33.53 -16.03
C ALA B 242 -0.51 -32.35 -15.22
N ILE B 243 -1.41 -31.44 -14.81
CA ILE B 243 -0.97 -30.29 -14.03
C ILE B 243 -0.45 -30.74 -12.67
N LYS B 244 -1.15 -31.69 -12.04
CA LYS B 244 -0.68 -32.21 -10.75
C LYS B 244 0.68 -32.87 -10.88
N SER B 245 0.98 -33.46 -12.03
CA SER B 245 2.27 -34.09 -12.27
C SER B 245 3.33 -33.11 -12.75
N GLY B 246 3.03 -31.82 -12.81
CA GLY B 246 4.01 -30.81 -13.12
C GLY B 246 3.79 -30.03 -14.42
N ASN B 247 2.78 -30.38 -15.21
N ASN B 247 2.81 -30.39 -15.24
CA ASN B 247 2.51 -29.66 -16.44
CA ASN B 247 2.60 -29.66 -16.49
C ASN B 247 2.14 -28.21 -16.13
C ASN B 247 2.12 -28.24 -16.19
N ARG B 248 2.58 -27.29 -17.00
CA ARG B 248 2.30 -25.87 -16.80
C ARG B 248 2.03 -25.18 -18.13
N PRO B 249 1.54 -23.94 -18.12
CA PRO B 249 1.30 -23.24 -19.39
C PRO B 249 2.56 -23.19 -20.24
N ASP B 250 2.36 -23.27 -21.56
CA ASP B 250 3.46 -23.36 -22.52
C ASP B 250 4.06 -21.97 -22.73
N VAL B 251 5.27 -21.76 -22.20
CA VAL B 251 5.92 -20.46 -22.36
C VAL B 251 6.21 -20.18 -23.83
N ASP B 252 6.38 -21.23 -24.64
CA ASP B 252 6.61 -21.04 -26.06
C ASP B 252 5.39 -20.45 -26.77
N ASP B 253 4.19 -20.58 -26.21
CA ASP B 253 3.02 -20.02 -26.85
C ASP B 253 2.86 -18.52 -26.61
N ILE B 254 3.74 -17.92 -25.83
CA ILE B 254 3.80 -16.47 -25.73
C ILE B 254 4.44 -15.94 -27.01
N THR B 255 3.65 -15.24 -27.83
CA THR B 255 4.16 -14.77 -29.11
C THR B 255 4.96 -13.47 -28.96
N GLU B 256 4.47 -12.52 -28.18
CA GLU B 256 5.14 -11.23 -28.08
C GLU B 256 6.29 -11.30 -27.09
N TYR B 257 7.10 -10.24 -27.08
CA TYR B 257 8.25 -10.17 -26.19
C TYR B 257 7.80 -10.21 -24.73
N CYS B 258 8.47 -11.02 -23.94
CA CYS B 258 8.21 -11.11 -22.50
C CYS B 258 9.56 -11.02 -21.79
N PRO B 259 9.78 -10.00 -20.96
CA PRO B 259 11.10 -9.84 -20.33
C PRO B 259 11.54 -11.11 -19.61
N ARG B 260 12.83 -11.42 -19.72
CA ARG B 260 13.40 -12.58 -19.04
C ARG B 260 12.96 -12.66 -17.59
N GLU B 261 12.90 -11.51 -16.91
CA GLU B 261 12.57 -11.50 -15.48
C GLU B 261 11.16 -12.05 -15.25
N ILE B 262 10.22 -11.72 -16.12
CA ILE B 262 8.84 -12.12 -15.90
C ILE B 262 8.67 -13.61 -16.20
N ILE B 263 9.37 -14.12 -17.21
CA ILE B 263 9.41 -15.56 -17.42
C ILE B 263 9.92 -16.28 -16.18
N SER B 264 10.98 -15.74 -15.57
CA SER B 264 11.52 -16.37 -14.36
C SER B 264 10.53 -16.31 -13.21
N LEU B 265 9.94 -15.13 -12.99
CA LEU B 265 8.98 -14.97 -11.88
C LEU B 265 7.82 -15.93 -12.04
N MET B 266 7.30 -16.05 -13.25
CA MET B 266 6.14 -16.90 -13.50
C MET B 266 6.48 -18.37 -13.23
N LYS B 267 7.69 -18.80 -13.60
CA LYS B 267 8.12 -20.17 -13.30
C LYS B 267 8.31 -20.37 -11.80
N LEU B 268 8.84 -19.36 -11.11
CA LEU B 268 9.01 -19.48 -9.66
C LEU B 268 7.66 -19.57 -8.95
N CYS B 269 6.68 -18.79 -9.41
CA CYS B 269 5.40 -18.68 -8.70
C CYS B 269 4.50 -19.89 -8.90
N TRP B 270 4.72 -20.70 -9.94
CA TRP B 270 3.95 -21.92 -10.10
C TRP B 270 4.74 -23.18 -9.77
N GLU B 271 5.77 -23.05 -8.93
CA GLU B 271 6.46 -24.22 -8.41
C GLU B 271 5.46 -25.20 -7.80
N ALA B 272 5.72 -26.49 -7.99
CA ALA B 272 4.84 -27.51 -7.44
C ALA B 272 4.76 -27.41 -5.92
N ASN B 273 5.91 -27.20 -5.26
CA ASN B 273 5.99 -27.11 -3.80
C ASN B 273 5.60 -25.70 -3.35
N PRO B 274 4.48 -25.56 -2.63
CA PRO B 274 4.03 -24.21 -2.25
C PRO B 274 5.06 -23.44 -1.44
N GLU B 275 5.90 -24.14 -0.68
CA GLU B 275 6.94 -23.47 0.11
C GLU B 275 7.99 -22.79 -0.76
N ALA B 276 8.14 -23.22 -2.01
CA ALA B 276 9.10 -22.63 -2.93
C ALA B 276 8.58 -21.39 -3.64
N ARG B 277 7.27 -21.16 -3.58
CA ARG B 277 6.73 -19.93 -4.16
C ARG B 277 6.99 -18.77 -3.20
N PRO B 278 7.27 -17.58 -3.73
CA PRO B 278 7.52 -16.43 -2.87
C PRO B 278 6.21 -15.87 -2.31
N THR B 279 6.35 -14.92 -1.39
CA THR B 279 5.21 -14.15 -0.92
C THR B 279 5.01 -12.94 -1.83
N PHE B 280 3.85 -12.31 -1.70
CA PHE B 280 3.60 -11.16 -2.56
C PHE B 280 4.51 -9.99 -2.15
N PRO B 281 4.72 -9.75 -0.84
CA PRO B 281 5.74 -8.77 -0.47
C PRO B 281 7.12 -9.11 -1.01
N GLY B 282 7.47 -10.39 -1.07
CA GLY B 282 8.74 -10.78 -1.67
C GLY B 282 8.75 -10.54 -3.17
N ILE B 283 7.62 -10.79 -3.84
CA ILE B 283 7.54 -10.51 -5.27
C ILE B 283 7.68 -9.01 -5.51
N GLU B 284 6.96 -8.20 -4.72
CA GLU B 284 6.98 -6.75 -4.91
C GLU B 284 8.38 -6.18 -4.77
N GLU B 285 9.13 -6.61 -3.74
CA GLU B 285 10.42 -6.01 -3.49
C GLU B 285 11.39 -6.24 -4.64
N LYS B 286 11.19 -7.29 -5.45
CA LYS B 286 11.99 -7.52 -6.63
C LYS B 286 11.37 -6.92 -7.89
N PHE B 287 10.04 -6.93 -8.00
CA PHE B 287 9.41 -6.49 -9.24
C PHE B 287 9.32 -4.98 -9.37
N ARG B 288 9.09 -4.26 -8.25
CA ARG B 288 8.93 -2.82 -8.36
C ARG B 288 10.16 -2.13 -8.93
N PRO B 289 11.37 -2.36 -8.42
CA PRO B 289 12.54 -1.71 -9.03
C PRO B 289 12.80 -2.14 -10.46
N PHE B 290 12.49 -3.39 -10.81
CA PHE B 290 12.58 -3.80 -12.21
C PHE B 290 11.58 -3.03 -13.06
N TYR B 291 10.34 -2.90 -12.58
CA TYR B 291 9.32 -2.18 -13.33
C TYR B 291 9.75 -0.74 -13.58
N LEU B 292 10.22 -0.05 -12.54
CA LEU B 292 10.54 1.37 -12.69
C LEU B 292 11.74 1.58 -13.61
N SER B 293 12.70 0.65 -13.62
CA SER B 293 13.92 0.89 -14.38
C SER B 293 13.80 0.45 -15.83
N GLN B 294 13.02 -0.58 -16.14
CA GLN B 294 13.03 -1.15 -17.48
C GLN B 294 11.69 -1.10 -18.20
N LEU B 295 10.57 -1.04 -17.48
CA LEU B 295 9.25 -1.15 -18.11
C LEU B 295 8.45 0.14 -18.10
N GLU B 296 8.53 0.93 -17.04
CA GLU B 296 7.69 2.11 -16.87
C GLU B 296 7.86 3.09 -18.02
#